data_4FDO
#
_entry.id   4FDO
#
_cell.length_a   127.884
_cell.length_b   127.884
_cell.length_c   64.177
_cell.angle_alpha   90.00
_cell.angle_beta   90.00
_cell.angle_gamma   120.00
#
_symmetry.space_group_name_H-M   'P 64'
#
loop_
_entity.id
_entity.type
_entity.pdbx_description
1 polymer 'oxidoreductase DprE1'
2 non-polymer 'FLAVIN-ADENINE DINUCLEOTIDE'
3 non-polymer 3-nitro-N-[(1R)-1-phenylethyl]-5-(trifluoromethyl)benzamide
4 water water
#
_entity_poly.entity_id   1
_entity_poly.type   'polypeptide(L)'
_entity_poly.pdbx_seq_one_letter_code
;MGSSHHHHHHSSGLVPRGSHMLSVGATTTATRLTGWGRTAPSVANVLRTPDAEMIVKAVARVAESGGGRGAIARGLGRSY
GDNAQNGGGLVIDMTPLNTIHSIDADTKLVDIDAGVNLDQLMKAALPFGLWVPVLPGTRQVTVGGAIACDIHGKNHHSAG
SFGNHVRSMDLLTADGEIRHLTPTGEDAELFWATVGGNGLTGIIMRATIEMTPTSTAYFIADGDVTASLDETIALHSDGS
EARYTYSSAWFDAISAPPKLGRAAVSRGRLATVEQLPAKLRSEPLKFDAPQLLTLPDVFPNGLANKYTFGPIGELWYRKS
GTYRGKVQNLTQFYHPLDMFGEWNRAYGPAGFLQYQFVIPTEAVDEFKKIIGVIQASGHYSFLNVFKLFGPRNQAPLSFP
IPGWNICVDFPIKDGLGKFVSELDRRVLEFGGRLYTAKDSRTTAETFHAMYPRVDEWISVRRKVDPLRVFASDMARRLEL
L
;
_entity_poly.pdbx_strand_id   A
#
# COMPACT_ATOMS: atom_id res chain seq x y z
N THR A 27 24.11 -16.03 12.89
CA THR A 27 22.71 -16.03 12.44
C THR A 27 22.25 -14.64 11.94
N THR A 28 22.45 -13.59 12.74
CA THR A 28 22.03 -12.23 12.37
C THR A 28 23.16 -11.26 11.94
N THR A 29 22.79 -10.24 11.16
CA THR A 29 23.72 -9.21 10.70
C THR A 29 23.23 -7.81 11.08
N ALA A 30 24.02 -7.08 11.85
CA ALA A 30 23.70 -5.70 12.20
C ALA A 30 23.71 -4.89 10.93
N THR A 31 22.67 -4.10 10.73
CA THR A 31 22.45 -3.45 9.45
C THR A 31 21.70 -2.15 9.66
N ARG A 32 22.22 -1.10 9.02
CA ARG A 32 21.56 0.19 8.93
C ARG A 32 20.35 0.05 8.00
N LEU A 33 19.14 0.33 8.50
CA LEU A 33 17.94 0.28 7.69
C LEU A 33 17.28 1.65 7.53
N THR A 34 16.68 1.87 6.36
CA THR A 34 15.82 3.01 6.10
C THR A 34 14.58 2.56 5.33
N GLY A 35 13.58 3.41 5.28
CA GLY A 35 12.49 3.26 4.33
C GLY A 35 12.98 3.46 2.90
N TRP A 36 12.07 3.33 1.95
CA TRP A 36 12.40 3.40 0.54
C TRP A 36 13.15 4.66 0.13
N GLY A 37 12.70 5.81 0.63
CA GLY A 37 13.31 7.07 0.29
C GLY A 37 14.51 7.40 1.18
N ARG A 38 15.03 6.38 1.85
CA ARG A 38 16.32 6.44 2.55
C ARG A 38 16.34 7.38 3.76
N THR A 39 15.17 7.58 4.38
CA THR A 39 15.10 8.47 5.52
C THR A 39 15.02 7.71 6.87
N ALA A 40 15.22 8.44 7.96
CA ALA A 40 15.12 7.89 9.32
C ALA A 40 15.83 6.55 9.54
N PRO A 41 17.17 6.52 9.40
CA PRO A 41 17.94 5.29 9.59
C PRO A 41 17.97 4.81 11.05
N SER A 42 17.93 3.50 11.26
CA SER A 42 18.29 2.93 12.56
C SER A 42 18.92 1.56 12.30
N VAL A 43 19.63 1.03 13.29
CA VAL A 43 20.37 -0.21 13.14
C VAL A 43 19.67 -1.37 13.84
N ALA A 44 19.48 -2.47 13.11
CA ALA A 44 18.86 -3.65 13.69
C ALA A 44 19.72 -4.87 13.41
N ASN A 45 19.57 -5.89 14.25
CA ASN A 45 20.06 -7.22 13.88
C ASN A 45 19.10 -7.83 12.88
N VAL A 46 19.58 -8.12 11.68
CA VAL A 46 18.73 -8.69 10.64
C VAL A 46 18.92 -10.20 10.53
N LEU A 47 17.83 -10.93 10.70
CA LEU A 47 17.84 -12.36 10.43
C LEU A 47 17.38 -12.56 9.00
N ARG A 48 18.16 -13.31 8.25
CA ARG A 48 17.83 -13.60 6.87
C ARG A 48 18.02 -15.09 6.59
N THR A 49 16.97 -15.87 6.78
CA THR A 49 17.05 -17.32 6.53
C THR A 49 15.84 -17.84 5.79
N PRO A 50 16.04 -18.81 4.89
CA PRO A 50 14.89 -19.45 4.22
C PRO A 50 14.26 -20.50 5.12
N ASP A 51 14.85 -20.73 6.30
CA ASP A 51 14.40 -21.78 7.22
C ASP A 51 13.33 -21.28 8.18
N ALA A 52 12.08 -21.60 7.90
CA ALA A 52 10.97 -21.16 8.75
C ALA A 52 11.16 -21.49 10.24
N GLU A 53 11.78 -22.62 10.53
CA GLU A 53 12.02 -23.02 11.92
C GLU A 53 13.01 -22.09 12.64
N MET A 54 13.99 -21.56 11.91
CA MET A 54 14.90 -20.58 12.48
C MET A 54 14.14 -19.29 12.82
N ILE A 55 13.17 -18.96 11.98
CA ILE A 55 12.35 -17.78 12.20
C ILE A 55 11.48 -17.99 13.43
N VAL A 56 10.85 -19.15 13.53
CA VAL A 56 10.08 -19.51 14.72
C VAL A 56 10.98 -19.46 15.96
N LYS A 57 12.17 -20.04 15.86
CA LYS A 57 13.09 -20.07 17.01
C LYS A 57 13.47 -18.66 17.42
N ALA A 58 13.72 -17.80 16.43
CA ALA A 58 14.18 -16.44 16.74
C ALA A 58 13.13 -15.64 17.51
N VAL A 59 11.87 -15.77 17.09
CA VAL A 59 10.76 -15.10 17.76
C VAL A 59 10.62 -15.62 19.19
N ALA A 60 10.75 -16.94 19.35
CA ALA A 60 10.68 -17.59 20.65
C ALA A 60 11.78 -17.07 21.59
N ARG A 61 12.98 -16.94 21.06
CA ARG A 61 14.12 -16.44 21.81
C ARG A 61 13.91 -14.99 22.25
N VAL A 62 13.28 -14.19 21.41
CA VAL A 62 12.97 -12.81 21.78
C VAL A 62 11.93 -12.81 22.90
N ALA A 63 10.95 -13.69 22.78
CA ALA A 63 9.90 -13.83 23.79
C ALA A 63 10.46 -14.30 25.13
N GLU A 64 11.43 -15.21 25.09
CA GLU A 64 12.04 -15.75 26.30
C GLU A 64 13.03 -14.78 26.95
N SER A 65 13.42 -13.73 26.22
CA SER A 65 14.21 -12.65 26.81
C SER A 65 13.23 -11.62 27.40
N GLY A 66 11.95 -11.96 27.35
CA GLY A 66 10.89 -11.19 27.96
C GLY A 66 10.45 -9.93 27.20
N GLY A 67 10.70 -9.91 25.89
CA GLY A 67 10.41 -8.73 25.08
C GLY A 67 11.65 -8.01 24.56
N GLY A 68 12.38 -7.32 25.44
CA GLY A 68 13.55 -6.55 25.05
C GLY A 68 13.19 -5.44 24.07
N ARG A 69 13.92 -5.34 22.97
CA ARG A 69 13.54 -4.36 21.96
C ARG A 69 12.76 -4.97 20.80
N GLY A 70 12.40 -6.23 20.97
CA GLY A 70 11.43 -6.86 20.10
C GLY A 70 11.91 -7.24 18.71
N ALA A 71 10.93 -7.46 17.85
CA ALA A 71 11.15 -7.99 16.52
C ALA A 71 10.09 -7.42 15.59
N ILE A 72 10.46 -7.23 14.33
CA ILE A 72 9.50 -6.89 13.30
C ILE A 72 9.91 -7.58 12.00
N ALA A 73 8.93 -7.87 11.15
CA ALA A 73 9.21 -8.43 9.84
C ALA A 73 9.60 -7.35 8.84
N ARG A 74 10.34 -7.74 7.82
CA ARG A 74 10.64 -6.84 6.74
C ARG A 74 10.47 -7.58 5.42
N GLY A 75 9.84 -6.91 4.46
CA GLY A 75 9.71 -7.48 3.13
C GLY A 75 10.75 -6.90 2.20
N LEU A 76 10.29 -6.29 1.11
CA LEU A 76 11.21 -5.72 0.14
C LEU A 76 11.60 -4.27 0.42
N GLY A 77 11.13 -3.75 1.55
CA GLY A 77 11.45 -2.41 1.98
C GLY A 77 10.88 -1.30 1.11
N ARG A 78 9.72 -1.53 0.48
CA ARG A 78 9.17 -0.50 -0.40
C ARG A 78 8.37 0.56 0.36
N SER A 79 8.07 0.28 1.62
CA SER A 79 7.42 1.28 2.46
C SER A 79 8.39 2.47 2.63
N TYR A 80 7.86 3.68 2.51
CA TYR A 80 8.66 4.89 2.69
C TYR A 80 8.92 5.18 4.16
N GLY A 81 8.16 4.51 5.02
CA GLY A 81 8.23 4.80 6.44
C GLY A 81 9.26 4.01 7.24
N ASP A 82 9.06 4.02 8.55
CA ASP A 82 9.94 3.35 9.49
C ASP A 82 9.23 2.14 10.12
N ASN A 83 8.26 1.59 9.42
CA ASN A 83 7.51 0.43 9.93
C ASN A 83 8.20 -0.92 9.72
N ALA A 84 9.18 -0.97 8.82
CA ALA A 84 9.91 -2.21 8.56
C ALA A 84 11.34 -2.16 9.10
N GLN A 85 11.52 -1.46 10.22
CA GLN A 85 12.80 -1.44 10.89
C GLN A 85 12.56 -1.37 12.37
N ASN A 86 13.58 -1.69 13.16
CA ASN A 86 13.42 -1.77 14.59
C ASN A 86 14.76 -1.48 15.26
N GLY A 87 15.03 -0.20 15.51
CA GLY A 87 16.33 0.24 15.98
C GLY A 87 16.70 -0.49 17.25
N GLY A 88 17.87 -1.13 17.28
CA GLY A 88 18.34 -1.81 18.48
C GLY A 88 17.71 -3.17 18.76
N GLY A 89 16.86 -3.62 17.84
CA GLY A 89 16.18 -4.88 18.01
C GLY A 89 16.36 -5.81 16.84
N LEU A 90 15.45 -6.76 16.70
CA LEU A 90 15.50 -7.75 15.64
C LEU A 90 14.59 -7.37 14.47
N VAL A 91 15.10 -7.51 13.25
CA VAL A 91 14.30 -7.40 12.04
C VAL A 91 14.46 -8.71 11.26
N ILE A 92 13.35 -9.30 10.85
CA ILE A 92 13.43 -10.54 10.11
C ILE A 92 13.10 -10.35 8.64
N ASP A 93 14.13 -10.43 7.80
CA ASP A 93 13.99 -10.34 6.37
C ASP A 93 13.23 -11.56 5.90
N MET A 94 12.00 -11.35 5.44
CA MET A 94 11.12 -12.43 4.99
C MET A 94 11.26 -12.80 3.51
N THR A 95 12.07 -12.03 2.76
CA THR A 95 12.27 -12.34 1.33
C THR A 95 12.82 -13.75 0.99
N PRO A 96 13.51 -14.43 1.93
CA PRO A 96 13.88 -15.79 1.52
C PRO A 96 12.74 -16.82 1.62
N LEU A 97 11.67 -16.54 2.35
CA LEU A 97 10.51 -17.42 2.31
C LEU A 97 9.66 -17.06 1.09
N ASN A 98 10.00 -17.62 -0.06
CA ASN A 98 9.39 -17.20 -1.30
C ASN A 98 8.84 -18.37 -2.13
N THR A 99 8.36 -19.40 -1.44
CA THR A 99 7.77 -20.54 -2.13
C THR A 99 6.28 -20.32 -2.41
N ILE A 100 5.91 -20.54 -3.65
CA ILE A 100 4.51 -20.65 -4.03
C ILE A 100 4.10 -22.11 -3.89
N HIS A 101 3.26 -22.41 -2.91
CA HIS A 101 2.93 -23.80 -2.59
C HIS A 101 1.88 -24.41 -3.52
N SER A 102 0.83 -23.65 -3.83
CA SER A 102 -0.20 -24.15 -4.71
C SER A 102 -0.94 -23.04 -5.46
N ILE A 103 -1.41 -23.38 -6.65
CA ILE A 103 -2.25 -22.50 -7.44
C ILE A 103 -3.42 -23.33 -7.92
N ASP A 104 -4.62 -22.80 -7.74
CA ASP A 104 -5.85 -23.51 -8.05
C ASP A 104 -6.72 -22.59 -8.90
N ALA A 105 -6.95 -22.95 -10.16
CA ALA A 105 -7.72 -22.08 -11.04
C ALA A 105 -9.24 -22.15 -10.82
N ASP A 106 -9.72 -23.23 -10.19
CA ASP A 106 -11.16 -23.38 -9.97
C ASP A 106 -11.60 -22.49 -8.81
N THR A 107 -10.91 -22.62 -7.69
CA THR A 107 -11.20 -21.79 -6.54
C THR A 107 -10.55 -20.41 -6.64
N LYS A 108 -9.64 -20.22 -7.61
CA LYS A 108 -8.88 -18.97 -7.79
C LYS A 108 -7.89 -18.71 -6.65
N LEU A 109 -7.70 -19.70 -5.78
CA LEU A 109 -6.83 -19.54 -4.62
C LEU A 109 -5.36 -19.80 -4.91
N VAL A 110 -4.50 -18.90 -4.46
CA VAL A 110 -3.06 -19.17 -4.43
C VAL A 110 -2.57 -19.21 -2.97
N ASP A 111 -1.72 -20.19 -2.68
CA ASP A 111 -1.19 -20.43 -1.34
C ASP A 111 0.31 -20.18 -1.39
N ILE A 112 0.74 -19.03 -0.87
CA ILE A 112 2.13 -18.61 -1.03
C ILE A 112 2.79 -18.14 0.25
N ASP A 113 4.10 -18.32 0.33
CA ASP A 113 4.91 -17.75 1.43
C ASP A 113 4.76 -16.22 1.46
N ALA A 114 4.94 -15.62 2.64
CA ALA A 114 4.79 -14.17 2.77
C ALA A 114 5.87 -13.38 2.05
N GLY A 115 6.98 -14.03 1.77
CA GLY A 115 8.09 -13.36 1.12
C GLY A 115 7.97 -13.36 -0.39
N VAL A 116 6.97 -14.03 -0.95
CA VAL A 116 6.84 -13.98 -2.41
C VAL A 116 6.36 -12.61 -2.81
N ASN A 117 6.92 -12.10 -3.90
CA ASN A 117 6.57 -10.76 -4.36
C ASN A 117 5.54 -10.82 -5.48
N LEU A 118 4.90 -9.69 -5.75
CA LEU A 118 3.73 -9.68 -6.62
C LEU A 118 4.09 -9.87 -8.08
N ASP A 119 5.30 -9.46 -8.45
CA ASP A 119 5.85 -9.75 -9.76
C ASP A 119 5.96 -11.26 -9.94
N GLN A 120 6.61 -11.92 -8.99
CA GLN A 120 6.78 -13.36 -8.97
C GLN A 120 5.44 -14.08 -9.10
N LEU A 121 4.48 -13.66 -8.31
CA LEU A 121 3.15 -14.25 -8.29
C LEU A 121 2.39 -13.99 -9.60
N MET A 122 2.54 -12.80 -10.15
CA MET A 122 1.83 -12.45 -11.37
C MET A 122 2.28 -13.39 -12.48
N LYS A 123 3.59 -13.64 -12.54
CA LYS A 123 4.17 -14.49 -13.55
C LYS A 123 3.73 -15.95 -13.39
N ALA A 124 3.67 -16.42 -12.16
CA ALA A 124 3.29 -17.80 -11.89
C ALA A 124 1.79 -18.07 -12.08
N ALA A 125 0.97 -17.04 -11.86
CA ALA A 125 -0.48 -17.23 -11.88
C ALA A 125 -1.16 -16.95 -13.23
N LEU A 126 -0.55 -16.06 -14.02
CA LEU A 126 -1.05 -15.73 -15.36
C LEU A 126 -1.44 -16.95 -16.22
N PRO A 127 -0.55 -17.96 -16.34
CA PRO A 127 -0.90 -19.11 -17.19
C PRO A 127 -2.14 -19.85 -16.71
N PHE A 128 -2.53 -19.64 -15.46
CA PHE A 128 -3.75 -20.24 -14.96
C PHE A 128 -4.97 -19.36 -15.22
N GLY A 129 -4.77 -18.23 -15.90
CA GLY A 129 -5.84 -17.25 -16.06
C GLY A 129 -6.20 -16.56 -14.75
N LEU A 130 -5.22 -16.38 -13.88
CA LEU A 130 -5.44 -15.68 -12.62
C LEU A 130 -4.63 -14.38 -12.56
N TRP A 131 -5.26 -13.34 -12.01
CA TRP A 131 -4.70 -12.00 -11.98
C TRP A 131 -4.57 -11.53 -10.54
N VAL A 132 -3.44 -10.95 -10.18
CA VAL A 132 -3.26 -10.43 -8.83
C VAL A 132 -4.34 -9.36 -8.56
N PRO A 133 -5.16 -9.57 -7.52
CA PRO A 133 -6.43 -8.85 -7.34
C PRO A 133 -6.26 -7.36 -6.97
N VAL A 134 -5.14 -7.02 -6.35
CA VAL A 134 -4.81 -5.64 -6.04
C VAL A 134 -3.34 -5.41 -6.40
N LEU A 135 -3.09 -4.48 -7.32
CA LEU A 135 -1.73 -4.16 -7.76
C LEU A 135 -1.37 -2.71 -7.49
N PRO A 136 -0.33 -2.49 -6.67
CA PRO A 136 0.12 -1.14 -6.36
C PRO A 136 1.01 -0.61 -7.49
N GLY A 137 1.56 0.59 -7.33
CA GLY A 137 2.44 1.18 -8.32
C GLY A 137 3.74 0.46 -8.63
N THR A 138 4.11 -0.51 -7.81
CA THR A 138 5.28 -1.35 -8.09
C THR A 138 4.98 -2.79 -7.68
N ARG A 139 5.43 -3.76 -8.46
CA ARG A 139 5.20 -5.19 -8.14
C ARG A 139 6.28 -5.73 -7.24
N GLN A 140 7.27 -4.92 -6.93
CA GLN A 140 8.33 -5.33 -6.04
C GLN A 140 7.95 -5.14 -4.57
N VAL A 141 6.82 -5.74 -4.18
CA VAL A 141 6.41 -5.82 -2.79
C VAL A 141 6.09 -7.26 -2.44
N THR A 142 6.30 -7.63 -1.18
CA THR A 142 5.97 -8.98 -0.75
C THR A 142 4.51 -9.08 -0.37
N VAL A 143 3.96 -10.28 -0.46
CA VAL A 143 2.62 -10.58 0.05
C VAL A 143 2.44 -10.14 1.52
N GLY A 144 3.45 -10.41 2.34
CA GLY A 144 3.44 -9.96 3.73
C GLY A 144 3.34 -8.46 3.87
N GLY A 145 4.14 -7.72 3.08
CA GLY A 145 4.05 -6.28 3.05
C GLY A 145 2.72 -5.79 2.50
N ALA A 146 2.17 -6.54 1.56
CA ALA A 146 0.89 -6.18 0.95
C ALA A 146 -0.25 -6.28 1.97
N ILE A 147 -0.21 -7.31 2.79
CA ILE A 147 -1.21 -7.52 3.82
C ILE A 147 -1.03 -6.56 5.00
N ALA A 148 0.21 -6.48 5.49
CA ALA A 148 0.55 -5.61 6.61
C ALA A 148 0.22 -4.13 6.39
N CYS A 149 0.29 -3.64 5.16
CA CYS A 149 -0.07 -2.26 4.89
C CYS A 149 -1.42 -2.14 4.19
N ASP A 150 -2.11 -3.27 4.07
CA ASP A 150 -3.41 -3.38 3.40
C ASP A 150 -3.45 -2.53 2.14
N ILE A 151 -2.48 -2.77 1.25
CA ILE A 151 -2.23 -1.88 0.12
C ILE A 151 -3.43 -1.75 -0.83
N HIS A 152 -3.47 -0.62 -1.53
CA HIS A 152 -4.55 -0.31 -2.47
C HIS A 152 -3.98 -0.16 -3.86
N GLY A 153 -4.85 -0.27 -4.86
CA GLY A 153 -4.40 -0.13 -6.22
C GLY A 153 -5.36 0.71 -7.03
N LYS A 154 -5.11 0.77 -8.33
CA LYS A 154 -5.89 1.56 -9.25
C LYS A 154 -7.35 1.08 -9.30
N ASN A 155 -7.59 -0.14 -8.84
CA ASN A 155 -8.93 -0.71 -8.83
C ASN A 155 -9.63 -0.72 -7.48
N HIS A 156 -9.18 0.12 -6.55
CA HIS A 156 -9.73 0.10 -5.19
C HIS A 156 -11.24 0.31 -5.09
N HIS A 157 -11.77 1.21 -5.91
CA HIS A 157 -13.19 1.51 -5.86
C HIS A 157 -14.02 0.29 -6.31
N SER A 158 -13.39 -0.67 -6.97
CA SER A 158 -14.09 -1.89 -7.39
C SER A 158 -13.66 -3.17 -6.66
N ALA A 159 -12.43 -3.21 -6.15
CA ALA A 159 -11.89 -4.44 -5.57
C ALA A 159 -11.58 -4.33 -4.07
N GLY A 160 -11.75 -3.14 -3.50
CA GLY A 160 -11.29 -2.88 -2.16
C GLY A 160 -9.77 -2.93 -2.11
N SER A 161 -9.23 -3.17 -0.93
CA SER A 161 -7.78 -3.27 -0.78
C SER A 161 -7.31 -4.72 -0.68
N PHE A 162 -6.01 -4.92 -0.50
CA PHE A 162 -5.41 -6.24 -0.56
C PHE A 162 -6.02 -7.18 0.47
N GLY A 163 -6.27 -6.65 1.66
CA GLY A 163 -6.92 -7.41 2.72
C GLY A 163 -8.26 -8.02 2.34
N ASN A 164 -9.01 -7.37 1.44
CA ASN A 164 -10.32 -7.87 1.04
C ASN A 164 -10.21 -9.22 0.32
N HIS A 165 -9.00 -9.59 -0.09
CA HIS A 165 -8.83 -10.77 -0.93
C HIS A 165 -8.03 -11.85 -0.24
N VAL A 166 -7.73 -11.61 1.04
CA VAL A 166 -7.02 -12.63 1.81
C VAL A 166 -8.06 -13.60 2.33
N ARG A 167 -7.89 -14.87 1.99
CA ARG A 167 -8.82 -15.89 2.42
C ARG A 167 -8.36 -16.60 3.69
N SER A 168 -7.05 -16.72 3.84
CA SER A 168 -6.50 -17.17 5.11
C SER A 168 -5.06 -16.73 5.24
N MET A 169 -4.56 -16.75 6.46
CA MET A 169 -3.15 -16.48 6.65
C MET A 169 -2.61 -17.17 7.89
N ASP A 170 -1.33 -17.53 7.83
CA ASP A 170 -0.64 -18.14 8.95
C ASP A 170 0.21 -17.09 9.61
N LEU A 171 -0.12 -16.80 10.86
CA LEU A 171 0.57 -15.78 11.62
C LEU A 171 1.40 -16.40 12.72
N LEU A 172 2.71 -16.18 12.66
CA LEU A 172 3.58 -16.53 13.77
C LEU A 172 3.45 -15.47 14.86
N THR A 173 2.89 -15.89 16.00
CA THR A 173 2.60 -14.98 17.11
C THR A 173 3.67 -15.10 18.18
N ALA A 174 3.58 -14.23 19.18
CA ALA A 174 4.61 -14.07 20.21
C ALA A 174 4.79 -15.32 21.05
N ASP A 175 3.74 -16.14 21.14
CA ASP A 175 3.80 -17.40 21.86
C ASP A 175 4.59 -18.49 21.09
N GLY A 176 4.99 -18.18 19.87
CA GLY A 176 5.76 -19.11 19.05
C GLY A 176 4.87 -20.06 18.29
N GLU A 177 3.55 -19.90 18.41
CA GLU A 177 2.59 -20.68 17.65
C GLU A 177 2.27 -20.04 16.30
N ILE A 178 2.09 -20.88 15.28
CA ILE A 178 1.63 -20.40 13.99
C ILE A 178 0.11 -20.54 13.91
N ARG A 179 -0.58 -19.41 13.89
CA ARG A 179 -2.03 -19.36 13.99
C ARG A 179 -2.68 -19.22 12.62
N HIS A 180 -3.54 -20.16 12.28
CA HIS A 180 -4.30 -20.08 11.04
C HIS A 180 -5.51 -19.15 11.21
N LEU A 181 -5.49 -18.02 10.50
CA LEU A 181 -6.54 -17.01 10.63
C LEU A 181 -7.41 -16.91 9.39
N THR A 182 -8.69 -16.67 9.61
CA THR A 182 -9.64 -16.48 8.53
C THR A 182 -10.45 -15.21 8.82
N PRO A 183 -11.00 -14.59 7.76
CA PRO A 183 -11.69 -13.30 7.96
C PRO A 183 -13.08 -13.38 8.63
N THR A 184 -13.64 -14.57 8.81
CA THR A 184 -14.94 -14.71 9.43
C THR A 184 -14.93 -15.73 10.54
N GLY A 185 -13.79 -16.36 10.75
CA GLY A 185 -13.69 -17.41 11.75
C GLY A 185 -13.72 -16.92 13.19
N GLU A 186 -13.16 -17.75 14.07
CA GLU A 186 -13.13 -17.41 15.49
C GLU A 186 -12.03 -16.38 15.74
N ASP A 187 -11.02 -16.37 14.87
CA ASP A 187 -9.91 -15.46 15.00
C ASP A 187 -10.04 -14.23 14.07
N ALA A 188 -11.27 -13.93 13.66
CA ALA A 188 -11.51 -12.80 12.75
C ALA A 188 -10.94 -11.49 13.27
N GLU A 189 -11.05 -11.28 14.57
CA GLU A 189 -10.57 -10.07 15.21
C GLU A 189 -9.07 -9.91 15.00
N LEU A 190 -8.33 -10.98 15.26
CA LEU A 190 -6.89 -10.97 15.09
C LEU A 190 -6.53 -10.84 13.61
N PHE A 191 -7.30 -11.52 12.78
CA PHE A 191 -7.08 -11.49 11.34
C PHE A 191 -7.17 -10.06 10.84
N TRP A 192 -8.21 -9.35 11.24
CA TRP A 192 -8.43 -8.01 10.75
C TRP A 192 -7.54 -6.94 11.43
N ALA A 193 -6.93 -7.29 12.56
CA ALA A 193 -5.91 -6.42 13.14
C ALA A 193 -4.55 -6.63 12.45
N THR A 194 -4.35 -7.82 11.88
CA THR A 194 -3.16 -8.15 11.11
C THR A 194 -3.15 -7.45 9.73
N VAL A 195 -4.29 -7.51 9.03
CA VAL A 195 -4.48 -6.68 7.86
C VAL A 195 -4.28 -5.22 8.27
N GLY A 196 -3.37 -4.52 7.61
CA GLY A 196 -3.02 -3.14 7.95
C GLY A 196 -2.27 -2.97 9.27
N GLY A 197 -1.87 -4.08 9.88
CA GLY A 197 -1.28 -4.04 11.20
C GLY A 197 0.21 -3.74 11.25
N ASN A 198 0.82 -3.50 10.09
CA ASN A 198 2.23 -3.13 10.03
C ASN A 198 3.16 -4.10 10.80
N GLY A 199 2.83 -5.38 10.77
CA GLY A 199 3.67 -6.42 11.34
C GLY A 199 3.56 -6.51 12.85
N LEU A 200 2.73 -5.68 13.44
CA LEU A 200 2.72 -5.58 14.88
C LEU A 200 1.81 -6.57 15.58
N THR A 201 1.27 -7.56 14.85
CA THR A 201 0.59 -8.69 15.51
C THR A 201 1.42 -9.97 15.44
N GLY A 202 2.52 -9.91 14.71
CA GLY A 202 3.36 -11.06 14.49
C GLY A 202 3.83 -11.17 13.05
N ILE A 203 4.45 -12.30 12.73
CA ILE A 203 5.04 -12.50 11.43
C ILE A 203 4.10 -13.33 10.56
N ILE A 204 3.67 -12.75 9.44
CA ILE A 204 2.88 -13.50 8.50
C ILE A 204 3.85 -14.43 7.79
N MET A 205 3.57 -15.72 7.83
CA MET A 205 4.48 -16.73 7.30
C MET A 205 4.05 -17.10 5.89
N ARG A 206 2.74 -17.07 5.67
CA ARG A 206 2.14 -17.75 4.55
C ARG A 206 0.70 -17.27 4.45
N ALA A 207 0.17 -17.20 3.24
CA ALA A 207 -1.20 -16.73 3.08
C ALA A 207 -1.86 -17.35 1.86
N THR A 208 -3.18 -17.42 1.92
CA THR A 208 -3.99 -17.85 0.77
C THR A 208 -4.78 -16.67 0.21
N ILE A 209 -4.49 -16.30 -1.03
CA ILE A 209 -5.13 -15.13 -1.66
C ILE A 209 -6.12 -15.58 -2.73
N GLU A 210 -7.31 -14.97 -2.77
CA GLU A 210 -8.24 -15.21 -3.87
C GLU A 210 -7.92 -14.30 -5.05
N MET A 211 -7.49 -14.90 -6.16
CA MET A 211 -7.12 -14.16 -7.35
C MET A 211 -8.34 -13.74 -8.19
N THR A 212 -8.10 -12.87 -9.15
CA THR A 212 -9.14 -12.46 -10.07
C THR A 212 -8.96 -13.20 -11.40
N PRO A 213 -10.04 -13.81 -11.88
CA PRO A 213 -10.06 -14.51 -13.17
C PRO A 213 -9.86 -13.51 -14.29
N THR A 214 -8.98 -13.84 -15.23
CA THR A 214 -8.78 -13.01 -16.40
C THR A 214 -8.48 -13.94 -17.56
N SER A 215 -8.72 -13.49 -18.78
CA SER A 215 -8.42 -14.30 -19.96
C SER A 215 -7.28 -13.67 -20.76
N THR A 216 -6.95 -12.43 -20.38
CA THR A 216 -5.78 -11.77 -20.96
C THR A 216 -5.00 -11.00 -19.91
N ALA A 217 -3.79 -10.62 -20.28
CA ALA A 217 -2.91 -9.86 -19.42
C ALA A 217 -2.87 -8.40 -19.84
N TYR A 218 -3.92 -7.95 -20.52
CA TYR A 218 -3.98 -6.58 -21.03
C TYR A 218 -5.21 -5.83 -20.55
N PHE A 219 -5.11 -4.51 -20.56
CA PHE A 219 -6.23 -3.65 -20.22
C PHE A 219 -6.75 -3.00 -21.49
N ILE A 220 -8.04 -2.70 -21.51
CA ILE A 220 -8.58 -1.77 -22.48
C ILE A 220 -8.92 -0.47 -21.77
N ALA A 221 -8.25 0.60 -22.16
CA ALA A 221 -8.24 1.86 -21.42
C ALA A 221 -8.95 3.01 -22.12
N ASP A 222 -9.60 3.86 -21.33
CA ASP A 222 -10.13 5.13 -21.83
C ASP A 222 -9.42 6.29 -21.09
N GLY A 223 -8.90 7.25 -21.86
CA GLY A 223 -8.26 8.43 -21.30
C GLY A 223 -9.04 9.74 -21.44
N ASP A 224 -8.97 10.58 -20.43
CA ASP A 224 -9.59 11.90 -20.46
C ASP A 224 -8.72 12.92 -19.76
N VAL A 225 -8.70 14.13 -20.29
CA VAL A 225 -7.94 15.21 -19.68
C VAL A 225 -8.92 16.30 -19.27
N THR A 226 -8.79 16.74 -18.02
CA THR A 226 -9.63 17.81 -17.48
C THR A 226 -8.83 19.09 -17.45
N ALA A 227 -9.51 20.21 -17.22
CA ALA A 227 -8.88 21.51 -17.34
C ALA A 227 -8.83 22.20 -15.99
N SER A 228 -9.44 21.58 -14.99
CA SER A 228 -9.56 22.21 -13.69
C SER A 228 -9.92 21.21 -12.62
N LEU A 229 -9.65 21.59 -11.37
CA LEU A 229 -10.01 20.79 -10.21
C LEU A 229 -11.50 20.45 -10.22
N ASP A 230 -12.34 21.45 -10.49
CA ASP A 230 -13.80 21.24 -10.48
C ASP A 230 -14.23 20.22 -11.51
N GLU A 231 -13.55 20.22 -12.67
CA GLU A 231 -13.82 19.28 -13.74
C GLU A 231 -13.36 17.85 -13.35
N THR A 232 -12.17 17.76 -12.76
CA THR A 232 -11.65 16.50 -12.24
C THR A 232 -12.65 15.86 -11.28
N ILE A 233 -13.16 16.67 -10.36
CA ILE A 233 -14.12 16.19 -9.37
C ILE A 233 -15.47 15.84 -10.00
N ALA A 234 -15.85 16.60 -11.04
CA ALA A 234 -17.11 16.36 -11.74
C ALA A 234 -17.05 15.03 -12.46
N LEU A 235 -15.92 14.77 -13.11
CA LEU A 235 -15.70 13.52 -13.81
C LEU A 235 -15.69 12.32 -12.86
N HIS A 236 -15.33 12.55 -11.61
CA HIS A 236 -15.31 11.46 -10.63
C HIS A 236 -16.62 11.32 -9.88
N SER A 237 -17.56 12.22 -10.11
CA SER A 237 -18.83 12.18 -9.40
C SER A 237 -20.02 12.06 -10.37
N ASP A 238 -19.75 11.79 -11.64
CA ASP A 238 -20.83 11.79 -12.62
C ASP A 238 -21.37 10.40 -12.90
N GLY A 239 -20.92 9.43 -12.12
CA GLY A 239 -21.36 8.05 -12.26
C GLY A 239 -20.53 7.21 -13.22
N SER A 240 -19.54 7.81 -13.87
CA SER A 240 -18.73 7.07 -14.85
C SER A 240 -17.71 6.12 -14.21
N GLU A 241 -17.28 6.43 -12.98
CA GLU A 241 -16.35 5.55 -12.28
C GLU A 241 -16.88 4.10 -12.24
N ALA A 242 -18.20 3.97 -12.11
CA ALA A 242 -18.84 2.65 -12.06
C ALA A 242 -18.62 1.81 -13.32
N ARG A 243 -18.23 2.47 -14.41
CA ARG A 243 -18.01 1.78 -15.68
C ARG A 243 -16.62 1.19 -15.81
N TYR A 244 -15.73 1.54 -14.88
CA TYR A 244 -14.36 1.04 -14.95
C TYR A 244 -13.97 0.35 -13.65
N THR A 245 -13.28 -0.77 -13.77
CA THR A 245 -12.79 -1.47 -12.59
C THR A 245 -11.53 -0.81 -12.06
N TYR A 246 -10.81 -0.13 -12.96
CA TYR A 246 -9.55 0.53 -12.64
C TYR A 246 -9.61 2.00 -13.03
N SER A 247 -9.17 2.88 -12.14
CA SER A 247 -9.09 4.31 -12.46
C SER A 247 -8.13 5.04 -11.55
N SER A 248 -7.26 5.87 -12.13
CA SER A 248 -6.38 6.76 -11.38
C SER A 248 -6.07 7.99 -12.23
N ALA A 249 -5.54 9.04 -11.63
CA ALA A 249 -5.27 10.24 -12.39
C ALA A 249 -3.94 10.88 -12.04
N TRP A 250 -3.28 11.44 -13.05
CA TRP A 250 -2.11 12.27 -12.86
C TRP A 250 -2.60 13.71 -12.74
N PHE A 251 -2.15 14.40 -11.70
CA PHE A 251 -2.82 15.58 -11.18
C PHE A 251 -1.87 16.79 -11.11
N ASP A 252 -2.34 17.96 -11.51
CA ASP A 252 -1.54 19.19 -11.48
C ASP A 252 -1.71 19.88 -10.14
N ALA A 253 -0.61 20.07 -9.42
CA ALA A 253 -0.65 20.66 -8.09
C ALA A 253 0.17 21.94 -8.02
N ILE A 254 0.64 22.40 -9.17
CA ILE A 254 1.53 23.56 -9.21
C ILE A 254 0.85 24.75 -9.87
N SER A 255 0.08 24.49 -10.92
CA SER A 255 -0.55 25.55 -11.71
C SER A 255 -1.49 26.41 -10.88
N ALA A 256 -1.42 27.71 -11.11
CA ALA A 256 -2.37 28.64 -10.53
C ALA A 256 -3.77 28.23 -11.00
N PRO A 257 -4.77 28.39 -10.12
CA PRO A 257 -6.15 28.17 -10.55
C PRO A 257 -6.48 29.12 -11.73
N PRO A 258 -7.44 28.74 -12.58
CA PRO A 258 -8.30 27.57 -12.46
C PRO A 258 -7.69 26.30 -13.04
N LYS A 259 -6.43 26.35 -13.48
CA LYS A 259 -5.78 25.16 -14.04
C LYS A 259 -5.34 24.18 -12.93
N LEU A 260 -5.26 24.69 -11.70
CA LEU A 260 -5.00 23.84 -10.54
C LEU A 260 -6.02 22.70 -10.48
N GLY A 261 -5.54 21.48 -10.27
CA GLY A 261 -6.43 20.34 -10.15
C GLY A 261 -6.83 19.65 -11.44
N ARG A 262 -6.43 20.20 -12.58
CA ARG A 262 -6.67 19.52 -13.85
C ARG A 262 -5.92 18.19 -13.81
N ALA A 263 -6.41 17.20 -14.54
CA ALA A 263 -5.85 15.86 -14.44
C ALA A 263 -5.88 15.07 -15.74
N ALA A 264 -4.93 14.17 -15.87
CA ALA A 264 -4.91 13.19 -16.94
C ALA A 264 -5.35 11.86 -16.33
N VAL A 265 -6.59 11.48 -16.64
CA VAL A 265 -7.27 10.34 -16.04
C VAL A 265 -7.16 9.10 -16.93
N SER A 266 -6.66 8.02 -16.34
CA SER A 266 -6.53 6.74 -17.03
C SER A 266 -7.50 5.75 -16.42
N ARG A 267 -8.45 5.27 -17.21
CA ARG A 267 -9.45 4.34 -16.70
C ARG A 267 -9.66 3.17 -17.65
N GLY A 268 -10.06 2.03 -17.12
CA GLY A 268 -10.28 0.87 -17.94
C GLY A 268 -10.59 -0.38 -17.15
N ARG A 269 -10.38 -1.50 -17.82
CA ARG A 269 -10.68 -2.82 -17.27
C ARG A 269 -9.86 -3.86 -18.00
N LEU A 270 -9.81 -5.08 -17.46
CA LEU A 270 -9.09 -6.14 -18.12
C LEU A 270 -9.75 -6.49 -19.45
N ALA A 271 -8.94 -6.66 -20.47
CA ALA A 271 -9.44 -7.01 -21.79
C ALA A 271 -9.77 -8.51 -21.90
N THR A 272 -10.84 -8.80 -22.63
CA THR A 272 -11.15 -10.17 -23.03
C THR A 272 -10.36 -10.44 -24.30
N VAL A 273 -10.21 -11.70 -24.67
CA VAL A 273 -9.35 -12.02 -25.80
C VAL A 273 -9.89 -11.49 -27.15
N GLU A 274 -11.22 -11.47 -27.31
CA GLU A 274 -11.86 -10.89 -28.49
C GLU A 274 -11.54 -9.41 -28.68
N GLN A 275 -11.15 -8.75 -27.59
CA GLN A 275 -10.80 -7.33 -27.63
C GLN A 275 -9.34 -7.09 -28.01
N LEU A 276 -8.55 -8.16 -28.04
CA LEU A 276 -7.13 -8.03 -28.35
C LEU A 276 -6.90 -7.83 -29.84
N PRO A 277 -5.91 -7.01 -30.20
CA PRO A 277 -5.48 -6.90 -31.59
C PRO A 277 -5.05 -8.26 -32.09
N ALA A 278 -5.25 -8.53 -33.38
CA ALA A 278 -5.04 -9.85 -33.95
C ALA A 278 -3.72 -10.51 -33.54
N LYS A 279 -2.62 -9.75 -33.66
CA LYS A 279 -1.28 -10.26 -33.37
C LYS A 279 -1.15 -10.86 -31.96
N LEU A 280 -1.84 -10.24 -31.00
CA LEU A 280 -1.68 -10.57 -29.59
C LEU A 280 -2.58 -11.70 -29.10
N ARG A 281 -3.55 -12.09 -29.93
CA ARG A 281 -4.49 -13.15 -29.56
C ARG A 281 -3.81 -14.51 -29.45
N SER A 282 -2.56 -14.58 -29.91
CA SER A 282 -1.75 -15.79 -29.85
C SER A 282 -1.41 -16.20 -28.41
N GLU A 283 -0.73 -15.31 -27.68
CA GLU A 283 -0.53 -15.50 -26.24
C GLU A 283 -1.17 -14.36 -25.45
N PRO A 284 -2.47 -14.51 -25.16
CA PRO A 284 -3.22 -13.43 -24.53
C PRO A 284 -2.84 -13.22 -23.06
N LEU A 285 -2.21 -14.22 -22.44
CA LEU A 285 -1.83 -14.13 -21.03
C LEU A 285 -0.33 -13.89 -20.87
N LYS A 286 0.28 -13.27 -21.89
CA LYS A 286 1.71 -13.01 -21.89
C LYS A 286 2.17 -12.15 -20.72
N PHE A 287 3.32 -12.48 -20.15
CA PHE A 287 3.82 -11.79 -18.97
C PHE A 287 4.59 -10.49 -19.26
N ASP A 288 4.24 -9.45 -18.49
CA ASP A 288 4.94 -8.14 -18.40
C ASP A 288 4.42 -7.06 -19.35
N ARG A 318 -0.60 17.20 -24.81
CA ARG A 318 -1.17 18.05 -23.77
C ARG A 318 -2.64 17.69 -23.49
N LYS A 319 -3.44 17.66 -24.55
CA LYS A 319 -4.89 17.36 -24.44
C LYS A 319 -5.37 16.42 -25.53
N SER A 320 -4.42 15.88 -26.29
CA SER A 320 -4.71 14.68 -27.06
C SER A 320 -4.30 13.44 -26.27
N GLY A 321 -4.29 13.57 -24.94
CA GLY A 321 -4.15 12.43 -24.06
C GLY A 321 -5.58 11.96 -23.80
N THR A 322 -6.44 12.15 -24.80
CA THR A 322 -7.84 11.72 -24.73
C THR A 322 -8.03 10.63 -25.77
N TYR A 323 -8.56 9.48 -25.37
CA TYR A 323 -8.69 8.32 -26.27
C TYR A 323 -9.71 7.31 -25.76
N ARG A 324 -10.09 6.38 -26.62
CA ARG A 324 -11.07 5.36 -26.27
C ARG A 324 -10.61 3.98 -26.75
N GLY A 325 -10.79 2.98 -25.90
CA GLY A 325 -10.54 1.59 -26.25
C GLY A 325 -9.10 1.26 -26.63
N LYS A 326 -8.15 2.03 -26.11
CA LYS A 326 -6.74 1.72 -26.32
C LYS A 326 -6.38 0.45 -25.54
N VAL A 327 -5.53 -0.39 -26.12
CA VAL A 327 -5.18 -1.66 -25.49
C VAL A 327 -3.76 -1.56 -24.94
N GLN A 328 -3.61 -1.88 -23.65
CA GLN A 328 -2.33 -1.68 -22.98
C GLN A 328 -1.97 -2.86 -22.10
N ASN A 329 -0.68 -3.18 -22.02
CA ASN A 329 -0.23 -4.12 -21.00
C ASN A 329 -0.10 -3.36 -19.68
N LEU A 330 0.26 -4.07 -18.62
CA LEU A 330 0.27 -3.51 -17.27
C LEU A 330 1.17 -2.28 -17.14
N THR A 331 2.35 -2.36 -17.72
CA THR A 331 3.30 -1.25 -17.64
C THR A 331 2.75 0.03 -18.31
N GLN A 332 2.21 -0.11 -19.51
CA GLN A 332 1.65 1.01 -20.24
C GLN A 332 0.44 1.60 -19.52
N PHE A 333 -0.44 0.72 -19.05
CA PHE A 333 -1.67 1.15 -18.39
C PHE A 333 -1.38 1.91 -17.10
N TYR A 334 -0.27 1.57 -16.47
CA TYR A 334 0.11 2.20 -15.20
C TYR A 334 1.11 3.35 -15.40
N HIS A 335 1.58 3.57 -16.63
CA HIS A 335 2.54 4.64 -16.95
C HIS A 335 2.06 6.02 -16.45
N PRO A 336 2.97 6.82 -15.86
CA PRO A 336 4.41 6.64 -15.73
C PRO A 336 4.87 6.27 -14.32
N LEU A 337 4.09 5.45 -13.62
CA LEU A 337 4.41 5.10 -12.23
C LEU A 337 5.72 4.32 -12.09
N ASP A 338 5.97 3.40 -13.03
CA ASP A 338 7.17 2.56 -12.95
C ASP A 338 8.46 3.32 -13.24
N MET A 339 8.43 4.24 -14.20
CA MET A 339 9.66 4.98 -14.54
C MET A 339 10.03 6.03 -13.49
N PHE A 340 9.07 6.44 -12.67
CA PHE A 340 9.33 7.44 -11.62
C PHE A 340 9.35 6.85 -10.21
N GLY A 341 9.19 5.53 -10.10
CA GLY A 341 9.17 4.86 -8.81
C GLY A 341 10.46 4.99 -8.02
N GLU A 342 11.60 5.03 -8.70
CA GLU A 342 12.89 5.09 -8.01
C GLU A 342 13.26 6.51 -7.54
N TRP A 343 12.45 7.49 -7.94
CA TRP A 343 12.74 8.91 -7.70
C TRP A 343 13.23 9.31 -6.30
N ASN A 344 12.42 9.06 -5.28
CA ASN A 344 12.79 9.44 -3.93
C ASN A 344 14.01 8.69 -3.42
N ARG A 345 14.12 7.43 -3.82
CA ARG A 345 15.26 6.59 -3.47
C ARG A 345 16.55 7.08 -4.17
N ALA A 346 16.42 7.50 -5.42
CA ALA A 346 17.57 8.00 -6.19
C ALA A 346 18.12 9.32 -5.65
N TYR A 347 17.24 10.18 -5.13
CA TYR A 347 17.68 11.50 -4.66
C TYR A 347 17.54 11.67 -3.15
N GLY A 348 17.08 10.63 -2.47
CA GLY A 348 16.91 10.68 -1.03
C GLY A 348 18.21 10.52 -0.29
N PRO A 349 18.22 10.83 1.03
CA PRO A 349 17.03 11.23 1.79
C PRO A 349 16.74 12.71 1.71
N ALA A 350 17.59 13.46 1.01
CA ALA A 350 17.62 14.92 1.11
C ALA A 350 16.82 15.63 0.02
N GLY A 351 16.34 14.86 -0.94
CA GLY A 351 15.70 15.44 -2.11
C GLY A 351 14.23 15.75 -1.93
N PHE A 352 13.46 14.73 -1.55
CA PHE A 352 12.00 14.83 -1.65
C PHE A 352 11.25 14.18 -0.49
N LEU A 353 10.13 14.79 -0.12
CA LEU A 353 9.26 14.21 0.89
C LEU A 353 7.93 13.85 0.23
N GLN A 354 7.62 12.56 0.23
CA GLN A 354 6.35 12.05 -0.26
C GLN A 354 5.31 12.38 0.79
N TYR A 355 4.07 12.56 0.37
CA TYR A 355 2.99 12.90 1.29
C TYR A 355 1.66 12.41 0.71
N GLN A 356 1.04 11.46 1.39
CA GLN A 356 -0.20 10.86 0.93
C GLN A 356 -1.32 11.03 1.96
N PHE A 357 -2.50 11.39 1.48
CA PHE A 357 -3.65 11.53 2.37
C PHE A 357 -4.96 11.27 1.62
N VAL A 358 -6.01 10.94 2.38
CA VAL A 358 -7.33 10.75 1.80
C VAL A 358 -8.32 11.57 2.63
N ILE A 359 -9.20 12.28 1.95
CA ILE A 359 -10.26 13.06 2.57
C ILE A 359 -11.61 12.41 2.24
N PRO A 360 -12.48 12.21 3.25
CA PRO A 360 -13.78 11.56 3.04
C PRO A 360 -14.56 12.21 1.92
N THR A 361 -15.22 11.37 1.11
CA THR A 361 -15.98 11.80 -0.07
C THR A 361 -16.82 13.05 0.15
N GLU A 362 -17.55 13.08 1.25
CA GLU A 362 -18.52 14.14 1.53
C GLU A 362 -17.83 15.47 1.83
N ALA A 363 -16.53 15.43 2.11
CA ALA A 363 -15.76 16.62 2.45
C ALA A 363 -14.98 17.15 1.25
N VAL A 364 -15.63 17.14 0.10
CA VAL A 364 -15.01 17.53 -1.16
C VAL A 364 -14.53 18.99 -1.15
N ASP A 365 -15.28 19.85 -0.47
CA ASP A 365 -14.88 21.26 -0.36
C ASP A 365 -13.59 21.43 0.44
N GLU A 366 -13.51 20.73 1.57
CA GLU A 366 -12.28 20.71 2.36
C GLU A 366 -11.12 20.18 1.55
N PHE A 367 -11.42 19.20 0.69
CA PHE A 367 -10.40 18.64 -0.17
C PHE A 367 -9.87 19.68 -1.18
N LYS A 368 -10.77 20.41 -1.81
CA LYS A 368 -10.38 21.53 -2.69
C LYS A 368 -9.50 22.55 -1.97
N LYS A 369 -9.90 22.91 -0.76
CA LYS A 369 -9.14 23.87 0.02
C LYS A 369 -7.71 23.42 0.30
N ILE A 370 -7.52 22.15 0.65
CA ILE A 370 -6.20 21.61 0.88
C ILE A 370 -5.34 21.67 -0.40
N ILE A 371 -5.95 21.34 -1.53
CA ILE A 371 -5.25 21.45 -2.80
C ILE A 371 -4.84 22.91 -3.05
N GLY A 372 -5.75 23.84 -2.81
CA GLY A 372 -5.47 25.26 -2.94
C GLY A 372 -4.31 25.70 -2.06
N VAL A 373 -4.35 25.30 -0.79
CA VAL A 373 -3.27 25.57 0.15
C VAL A 373 -1.93 25.01 -0.34
N ILE A 374 -1.96 23.80 -0.91
CA ILE A 374 -0.74 23.20 -1.41
C ILE A 374 -0.15 24.02 -2.55
N GLN A 375 -0.99 24.38 -3.52
CA GLN A 375 -0.52 25.20 -4.64
C GLN A 375 0.08 26.54 -4.20
N ALA A 376 -0.57 27.18 -3.22
CA ALA A 376 -0.14 28.50 -2.76
C ALA A 376 1.08 28.47 -1.85
N SER A 377 1.48 27.27 -1.42
CA SER A 377 2.53 27.14 -0.41
C SER A 377 3.93 27.51 -0.88
N GLY A 378 4.19 27.40 -2.17
CA GLY A 378 5.56 27.54 -2.65
C GLY A 378 6.28 26.22 -2.74
N HIS A 379 5.64 25.15 -2.26
CA HIS A 379 6.19 23.80 -2.35
C HIS A 379 5.57 23.08 -3.54
N TYR A 380 6.39 22.77 -4.53
CA TYR A 380 5.87 22.41 -5.85
C TYR A 380 6.16 20.97 -6.22
N SER A 381 5.08 20.20 -6.40
CA SER A 381 5.19 18.78 -6.71
C SER A 381 4.66 18.46 -8.12
N PHE A 382 5.48 17.78 -8.91
CA PHE A 382 5.10 17.30 -10.24
C PHE A 382 4.54 15.89 -10.22
N LEU A 383 5.02 15.07 -9.29
CA LEU A 383 4.56 13.67 -9.22
C LEU A 383 3.36 13.55 -8.29
N ASN A 384 2.16 13.67 -8.86
CA ASN A 384 0.94 13.60 -8.06
C ASN A 384 0.00 12.54 -8.62
N VAL A 385 -0.39 11.61 -7.76
CA VAL A 385 -1.33 10.57 -8.14
C VAL A 385 -2.62 10.78 -7.36
N PHE A 386 -3.73 10.70 -8.07
CA PHE A 386 -5.01 10.97 -7.48
C PHE A 386 -5.96 9.80 -7.78
N LYS A 387 -6.86 9.53 -6.84
CA LYS A 387 -7.84 8.47 -7.04
C LYS A 387 -9.02 8.68 -6.08
N LEU A 388 -10.19 8.26 -6.51
CA LEU A 388 -11.33 8.21 -5.61
C LEU A 388 -11.45 6.79 -5.06
N PHE A 389 -11.14 6.62 -3.78
CA PHE A 389 -11.27 5.33 -3.11
C PHE A 389 -12.73 4.92 -3.01
N GLY A 390 -12.97 3.61 -2.97
CA GLY A 390 -14.33 3.11 -2.72
C GLY A 390 -14.53 2.74 -1.25
N PRO A 391 -15.53 1.89 -0.99
CA PRO A 391 -15.85 1.47 0.38
C PRO A 391 -14.66 0.86 1.10
N ARG A 392 -14.56 1.11 2.40
CA ARG A 392 -13.48 0.58 3.23
C ARG A 392 -13.80 -0.85 3.67
N ASN A 393 -12.81 -1.50 4.29
CA ASN A 393 -12.99 -2.83 4.84
C ASN A 393 -13.00 -2.79 6.37
N GLN A 394 -12.95 -3.95 7.02
CA GLN A 394 -13.17 -3.99 8.46
C GLN A 394 -11.92 -3.94 9.35
N ALA A 395 -10.74 -3.84 8.76
CA ALA A 395 -9.49 -3.70 9.53
C ALA A 395 -9.43 -2.34 10.21
N PRO A 396 -9.35 -2.33 11.55
CA PRO A 396 -9.35 -1.08 12.32
C PRO A 396 -8.34 -0.09 11.78
N LEU A 397 -7.13 -0.55 11.42
CA LEU A 397 -6.08 0.38 11.00
C LEU A 397 -5.87 0.48 9.50
N SER A 398 -6.82 -0.04 8.72
CA SER A 398 -6.74 0.11 7.27
C SER A 398 -6.68 1.59 6.85
N PHE A 399 -5.76 1.94 5.96
CA PHE A 399 -5.68 3.32 5.46
C PHE A 399 -6.87 3.80 4.59
N PRO A 400 -7.25 3.04 3.54
CA PRO A 400 -8.30 3.57 2.65
C PRO A 400 -9.67 3.76 3.30
N ILE A 401 -10.27 4.89 2.98
CA ILE A 401 -11.68 5.15 3.27
C ILE A 401 -12.24 5.75 1.99
N PRO A 402 -13.55 5.62 1.77
CA PRO A 402 -14.07 6.19 0.52
C PRO A 402 -13.81 7.69 0.50
N GLY A 403 -13.29 8.19 -0.60
CA GLY A 403 -12.92 9.59 -0.64
C GLY A 403 -11.77 9.95 -1.55
N TRP A 404 -11.35 11.21 -1.41
CA TRP A 404 -10.40 11.82 -2.32
C TRP A 404 -8.96 11.54 -1.90
N ASN A 405 -8.28 10.69 -2.66
CA ASN A 405 -6.94 10.28 -2.29
C ASN A 405 -5.87 10.90 -3.19
N ILE A 406 -4.82 11.42 -2.58
CA ILE A 406 -3.72 11.93 -3.38
C ILE A 406 -2.37 11.76 -2.72
N CYS A 407 -1.40 11.34 -3.53
CA CYS A 407 -0.03 11.34 -3.09
C CYS A 407 0.72 12.43 -3.85
N VAL A 408 1.42 13.29 -3.12
CA VAL A 408 2.26 14.31 -3.72
C VAL A 408 3.70 14.10 -3.25
N ASP A 409 4.63 14.80 -3.89
CA ASP A 409 6.05 14.63 -3.59
C ASP A 409 6.78 15.98 -3.58
N PHE A 410 7.00 16.54 -2.39
CA PHE A 410 7.63 17.84 -2.25
C PHE A 410 9.15 17.78 -2.29
N PRO A 411 9.77 18.70 -3.02
CA PRO A 411 11.21 18.94 -2.87
C PRO A 411 11.48 19.41 -1.45
N ILE A 412 12.52 18.90 -0.81
CA ILE A 412 12.81 19.34 0.54
C ILE A 412 13.39 20.75 0.52
N LYS A 413 12.73 21.64 1.26
CA LYS A 413 13.06 23.06 1.26
C LYS A 413 12.78 23.65 2.63
N ASP A 414 13.36 24.81 2.90
CA ASP A 414 13.12 25.51 4.15
C ASP A 414 11.63 25.75 4.32
N GLY A 415 11.12 25.43 5.50
CA GLY A 415 9.71 25.60 5.81
C GLY A 415 8.83 24.40 5.52
N LEU A 416 9.39 23.37 4.89
CA LEU A 416 8.57 22.24 4.48
C LEU A 416 7.98 21.48 5.68
N GLY A 417 8.82 21.20 6.67
CA GLY A 417 8.39 20.41 7.81
C GLY A 417 7.23 21.05 8.52
N LYS A 418 7.34 22.36 8.72
CA LYS A 418 6.30 23.14 9.35
C LYS A 418 5.04 23.12 8.50
N PHE A 419 5.22 23.25 7.18
CA PHE A 419 4.09 23.21 6.27
C PHE A 419 3.33 21.88 6.28
N VAL A 420 4.03 20.74 6.30
CA VAL A 420 3.34 19.45 6.28
C VAL A 420 2.63 19.17 7.62
N SER A 421 3.15 19.75 8.70
CA SER A 421 2.46 19.68 9.98
C SER A 421 1.13 20.43 9.89
N GLU A 422 1.11 21.48 9.09
CA GLU A 422 -0.12 22.21 8.85
C GLU A 422 -1.10 21.35 8.04
N LEU A 423 -0.59 20.65 7.02
CA LEU A 423 -1.44 19.75 6.25
C LEU A 423 -2.01 18.67 7.17
N ASP A 424 -1.16 18.09 8.02
CA ASP A 424 -1.57 17.06 8.97
C ASP A 424 -2.82 17.49 9.71
N ARG A 425 -2.75 18.69 10.27
CA ARG A 425 -3.86 19.25 11.04
C ARG A 425 -5.15 19.33 10.22
N ARG A 426 -5.03 19.77 8.97
CA ARG A 426 -6.19 19.90 8.09
C ARG A 426 -6.77 18.57 7.69
N VAL A 427 -5.90 17.64 7.31
CA VAL A 427 -6.32 16.29 6.98
C VAL A 427 -7.08 15.71 8.17
N LEU A 428 -6.48 15.86 9.35
CA LEU A 428 -7.07 15.40 10.59
C LEU A 428 -8.48 15.98 10.82
N GLU A 429 -8.57 17.30 10.89
CA GLU A 429 -9.85 17.95 11.14
C GLU A 429 -10.92 17.63 10.10
N PHE A 430 -10.49 17.38 8.86
CA PHE A 430 -11.46 17.14 7.80
C PHE A 430 -11.84 15.67 7.74
N GLY A 431 -11.36 14.90 8.72
CA GLY A 431 -11.73 13.52 8.85
C GLY A 431 -10.91 12.55 8.01
N GLY A 432 -9.80 13.04 7.46
CA GLY A 432 -8.92 12.20 6.67
C GLY A 432 -7.81 11.52 7.47
N ARG A 433 -6.91 10.85 6.76
CA ARG A 433 -5.77 10.20 7.38
C ARG A 433 -4.55 10.18 6.46
N LEU A 434 -3.39 9.97 7.08
CA LEU A 434 -2.17 9.58 6.41
C LEU A 434 -2.05 8.05 6.37
N TYR A 435 -1.06 7.58 5.63
CA TYR A 435 -0.82 6.17 5.36
C TYR A 435 0.54 5.79 5.94
N THR A 436 0.59 4.78 6.79
CA THR A 436 1.87 4.36 7.38
C THR A 436 2.95 4.00 6.35
N ALA A 437 2.53 3.58 5.16
CA ALA A 437 3.48 3.20 4.11
C ALA A 437 4.17 4.40 3.52
N LYS A 438 3.68 5.59 3.86
CA LYS A 438 4.17 6.83 3.27
C LYS A 438 4.68 7.83 4.31
N ASP A 439 4.79 7.38 5.55
CA ASP A 439 5.09 8.30 6.64
C ASP A 439 6.20 7.84 7.60
N SER A 440 7.11 8.74 7.92
CA SER A 440 7.98 8.54 9.07
C SER A 440 8.17 9.83 9.87
N ARG A 441 7.24 10.77 9.69
CA ARG A 441 7.40 12.10 10.29
C ARG A 441 6.28 12.57 11.24
N THR A 442 5.04 12.12 11.04
CA THR A 442 3.92 12.57 11.88
C THR A 442 4.00 12.12 13.35
N THR A 443 3.16 12.69 14.21
CA THR A 443 3.21 12.39 15.66
C THR A 443 2.18 11.35 16.07
N ALA A 444 2.41 10.74 17.23
CA ALA A 444 1.48 9.78 17.81
C ALA A 444 0.09 10.40 18.00
N GLU A 445 0.07 11.65 18.44
CA GLU A 445 -1.19 12.35 18.66
C GLU A 445 -1.96 12.53 17.35
N THR A 446 -1.27 12.99 16.31
CA THR A 446 -1.89 13.17 15.01
C THR A 446 -2.40 11.86 14.42
N PHE A 447 -1.57 10.81 14.47
CA PHE A 447 -1.96 9.54 13.90
C PHE A 447 -3.14 8.92 14.66
N HIS A 448 -3.06 8.93 15.99
CA HIS A 448 -4.14 8.34 16.78
C HIS A 448 -5.45 9.08 16.45
N ALA A 449 -5.39 10.39 16.33
CA ALA A 449 -6.61 11.13 16.06
C ALA A 449 -7.19 10.78 14.67
N MET A 450 -6.32 10.48 13.70
CA MET A 450 -6.72 10.10 12.34
C MET A 450 -7.33 8.69 12.24
N TYR A 451 -7.08 7.87 13.25
CA TYR A 451 -7.60 6.51 13.26
C TYR A 451 -8.48 6.24 14.48
N PRO A 452 -9.75 6.64 14.40
CA PRO A 452 -10.67 6.50 15.55
C PRO A 452 -10.77 5.07 16.07
N ARG A 453 -10.33 4.09 15.28
CA ARG A 453 -10.37 2.69 15.73
C ARG A 453 -9.03 2.20 16.30
N VAL A 454 -8.09 3.12 16.47
CA VAL A 454 -6.77 2.76 16.98
C VAL A 454 -6.76 2.10 18.38
N ASP A 455 -7.60 2.57 19.31
CA ASP A 455 -7.63 1.94 20.63
C ASP A 455 -8.21 0.51 20.58
N GLU A 456 -9.19 0.29 19.71
CA GLU A 456 -9.70 -1.04 19.45
C GLU A 456 -8.54 -1.91 18.95
N TRP A 457 -7.83 -1.41 17.94
CA TRP A 457 -6.70 -2.13 17.37
C TRP A 457 -5.62 -2.44 18.42
N ILE A 458 -5.22 -1.43 19.19
CA ILE A 458 -4.25 -1.62 20.25
C ILE A 458 -4.70 -2.70 21.24
N SER A 459 -5.98 -2.74 21.54
CA SER A 459 -6.53 -3.76 22.44
C SER A 459 -6.31 -5.17 21.91
N VAL A 460 -6.55 -5.34 20.60
CA VAL A 460 -6.30 -6.63 19.97
C VAL A 460 -4.82 -6.97 20.04
N ARG A 461 -3.97 -5.98 19.79
CA ARG A 461 -2.54 -6.20 19.82
C ARG A 461 -2.04 -6.60 21.21
N ARG A 462 -2.66 -6.03 22.24
CA ARG A 462 -2.36 -6.41 23.62
C ARG A 462 -2.74 -7.86 23.93
N LYS A 463 -3.92 -8.30 23.48
CA LYS A 463 -4.31 -9.69 23.67
C LYS A 463 -3.26 -10.63 23.07
N VAL A 464 -2.77 -10.29 21.89
CA VAL A 464 -1.95 -11.23 21.12
C VAL A 464 -0.44 -11.13 21.41
N ASP A 465 0.01 -9.96 21.87
CA ASP A 465 1.42 -9.74 22.12
C ASP A 465 1.61 -8.98 23.45
N PRO A 466 1.26 -9.64 24.57
CA PRO A 466 1.31 -8.96 25.87
C PRO A 466 2.70 -8.51 26.27
N LEU A 467 3.74 -9.19 25.79
CA LEU A 467 5.10 -8.82 26.15
C LEU A 467 5.73 -7.86 25.17
N ARG A 468 4.97 -7.47 24.15
CA ARG A 468 5.49 -6.60 23.10
C ARG A 468 6.73 -7.23 22.46
N VAL A 469 6.61 -8.50 22.10
CA VAL A 469 7.64 -9.19 21.34
C VAL A 469 7.78 -8.51 19.96
N PHE A 470 6.67 -7.99 19.43
CA PHE A 470 6.73 -7.28 18.17
C PHE A 470 6.79 -5.77 18.32
N ALA A 471 7.77 -5.16 17.66
CA ALA A 471 8.02 -3.73 17.81
C ALA A 471 8.80 -3.18 16.62
N SER A 472 8.57 -1.92 16.30
CA SER A 472 9.23 -1.28 15.17
C SER A 472 9.46 0.17 15.55
N ASP A 473 10.29 0.87 14.78
CA ASP A 473 10.49 2.30 14.99
C ASP A 473 9.16 3.03 14.93
N MET A 474 8.34 2.65 13.94
CA MET A 474 7.02 3.22 13.74
C MET A 474 6.15 3.04 14.99
N ALA A 475 6.08 1.82 15.53
CA ALA A 475 5.26 1.54 16.70
C ALA A 475 5.61 2.47 17.89
N ARG A 476 6.91 2.73 18.07
CA ARG A 476 7.38 3.59 19.16
C ARG A 476 7.05 5.06 18.89
N ARG A 477 7.26 5.49 17.65
CA ARG A 477 6.99 6.88 17.29
C ARG A 477 5.51 7.22 17.41
N LEU A 478 4.66 6.30 16.94
CA LEU A 478 3.23 6.55 16.90
C LEU A 478 2.51 5.94 18.10
N GLU A 479 3.26 5.37 19.03
CA GLU A 479 2.70 4.86 20.27
C GLU A 479 1.63 3.81 20.02
N LEU A 480 1.97 2.88 19.13
CA LEU A 480 1.14 1.72 18.87
C LEU A 480 1.72 0.53 19.62
N LEU A 481 2.97 0.68 20.07
CA LEU A 481 3.71 -0.40 20.73
C LEU A 481 2.94 -0.90 21.95
#